data_8PGN
#
_entry.id   8PGN
#
_cell.length_a   39.430
_cell.length_b   67.950
_cell.length_c   40.250
_cell.angle_alpha   90.000
_cell.angle_beta   93.400
_cell.angle_gamma   90.000
#
_symmetry.space_group_name_H-M   'P 1 21 1'
#
loop_
_entity.id
_entity.type
_entity.pdbx_description
1 polymer 'Beta-lactamase VIM-1'
2 non-polymer 'ZINC ION'
3 non-polymer '7-[(1~{S})-1-[5-[(3-azanylazetidin-1-yl)methyl]-2-oxidanylidene-1,3-oxazolidin-3-yl]ethyl]-3-[3-fluoranyl-4-(methylsulfonylamino)phenyl]-1~{H}-indole-2-carboxylic acid'
4 water water
#
_entity_poly.entity_id   1
_entity_poly.type   'polypeptide(L)'
_entity_poly.pdbx_seq_one_letter_code
;MLKVISSLLVYMTASVMAVASPLAHSGEPSGEYPTVNEIPVGEVRLYQIADGVWSHIATQSFDGAVYPSNGLIVRDGDEL
LLIDTAWGAKNTAALLAEIEKQIGLPVTRAVSTHFHDDRVGGVDVLRAAGVATYASPSTRRLAEAEGNEIPTHSLEGLSS
SGDAVRFGPVELFYPGAAHSTDNLVVYVPSANVLYGGCAVHELSSTSAGNVADADLAEWPTSVERIQKHYPEAEVVIPGH
GLPGGLDLLQHTANVVKAHKNRSVAE
;
_entity_poly.pdbx_strand_id   A
#
loop_
_chem_comp.id
_chem_comp.type
_chem_comp.name
_chem_comp.formula
YRF non-polymer '7-[(1~{S})-1-[5-[(3-azanylazetidin-1-yl)methyl]-2-oxidanylidene-1,3-oxazolidin-3-yl]ethyl]-3-[3-fluoranyl-4-(methylsulfonylamino)phenyl]-1~{H}-indole-2-carboxylic acid' 'C25 H28 F N5 O6 S'
ZN non-polymer 'ZINC ION' 'Zn 2'
#
# COMPACT_ATOMS: atom_id res chain seq x y z
N SER A 30 -21.01 7.12 -1.09
CA SER A 30 -21.45 8.51 -0.88
C SER A 30 -20.62 9.27 0.16
N GLY A 31 -19.30 9.11 0.11
N GLY A 31 -19.31 9.14 0.09
CA GLY A 31 -18.38 9.84 0.99
CA GLY A 31 -18.42 9.85 0.99
C GLY A 31 -17.69 8.99 2.05
C GLY A 31 -17.76 9.05 2.11
N GLU A 32 -18.32 7.92 2.51
CA GLU A 32 -17.67 7.07 3.52
C GLU A 32 -16.53 6.27 2.90
N TYR A 33 -15.60 5.73 3.74
CA TYR A 33 -14.48 5.00 3.12
C TYR A 33 -15.03 3.72 2.49
N PRO A 34 -14.66 3.39 1.25
CA PRO A 34 -15.35 2.32 0.51
C PRO A 34 -14.89 0.98 1.09
N THR A 35 -15.84 0.02 1.35
N THR A 35 -15.77 0.06 0.80
CA THR A 35 -15.56 -1.25 2.10
CA THR A 35 -15.61 -1.30 1.18
C THR A 35 -15.71 -2.53 1.27
C THR A 35 -16.02 -2.17 0.03
N VAL A 36 -15.25 -3.74 1.77
N VAL A 36 -15.74 -3.45 0.17
CA VAL A 36 -15.10 -4.91 0.89
CA VAL A 36 -16.15 -4.43 -0.84
C VAL A 36 -16.41 -5.26 0.18
C VAL A 36 -17.62 -4.29 -1.17
N ASN A 37 -17.52 -5.33 0.92
N ASN A 37 -18.45 -3.84 -0.24
CA ASN A 37 -18.78 -5.70 0.28
CA ASN A 37 -19.88 -3.78 -0.50
C ASN A 37 -19.37 -4.58 -0.55
C ASN A 37 -20.29 -2.57 -1.34
N GLU A 38 -18.78 -3.39 -0.55
N GLU A 38 -19.41 -1.59 -1.55
CA GLU A 38 -19.26 -2.28 -1.35
CA GLU A 38 -19.74 -0.39 -2.33
C GLU A 38 -18.55 -2.15 -2.70
C GLU A 38 -18.86 -0.19 -3.56
N ILE A 39 -17.50 -2.94 -2.95
N ILE A 39 -18.10 -1.19 -3.94
CA ILE A 39 -16.73 -2.81 -4.20
CA ILE A 39 -17.30 -1.13 -5.17
C ILE A 39 -16.71 -4.16 -4.93
C ILE A 39 -17.95 -2.12 -6.13
N PRO A 40 -17.41 -4.34 -6.05
N PRO A 40 -18.51 -1.66 -7.26
CA PRO A 40 -17.29 -5.59 -6.79
CA PRO A 40 -19.09 -2.59 -8.23
C PRO A 40 -15.86 -5.80 -7.26
C PRO A 40 -18.04 -3.56 -8.73
N VAL A 41 -15.45 -7.05 -7.35
N VAL A 41 -18.52 -4.72 -9.17
CA VAL A 41 -14.12 -7.30 -7.86
CA VAL A 41 -17.63 -5.80 -9.58
C VAL A 41 -14.08 -6.80 -9.30
C VAL A 41 -16.64 -5.35 -10.65
N GLY A 42 -13.02 -6.05 -9.61
N GLY A 42 -15.36 -5.59 -10.39
CA GLY A 42 -12.92 -5.40 -10.91
CA GLY A 42 -14.27 -5.25 -11.31
C GLY A 42 -13.13 -3.90 -10.94
C GLY A 42 -13.85 -3.81 -11.29
N GLU A 43 -13.69 -3.37 -9.89
N GLU A 43 -14.29 -3.07 -10.27
CA GLU A 43 -14.03 -1.95 -9.84
CA GLU A 43 -14.14 -1.62 -10.23
C GLU A 43 -13.06 -1.26 -8.92
C GLU A 43 -13.18 -1.22 -9.10
N VAL A 44 -12.80 0.04 -9.16
CA VAL A 44 -11.90 0.72 -8.27
C VAL A 44 -12.54 2.00 -7.80
N ARG A 45 -12.35 2.30 -6.52
N ARG A 45 -12.35 2.36 -6.54
CA ARG A 45 -12.75 3.54 -5.87
CA ARG A 45 -12.81 3.66 -6.10
C ARG A 45 -11.53 4.37 -5.54
C ARG A 45 -11.64 4.40 -5.46
N LEU A 46 -11.68 5.70 -5.58
CA LEU A 46 -10.70 6.60 -5.00
C LEU A 46 -11.33 7.32 -3.81
N TYR A 47 -10.51 7.68 -2.86
CA TYR A 47 -10.94 8.40 -1.67
C TYR A 47 -9.96 9.52 -1.41
N GLN A 48 -10.47 10.73 -1.35
CA GLN A 48 -9.59 11.87 -1.07
C GLN A 48 -9.16 11.86 0.39
N ILE A 49 -7.86 11.81 0.63
CA ILE A 49 -7.30 11.79 1.97
C ILE A 49 -6.93 13.17 2.44
N ALA A 50 -6.33 13.95 1.56
CA ALA A 50 -5.85 15.29 1.85
C ALA A 50 -5.65 15.98 0.51
N ASP A 51 -5.31 17.27 0.54
CA ASP A 51 -5.01 17.93 -0.72
CA ASP A 51 -5.02 17.94 -0.72
C ASP A 51 -3.88 17.22 -1.46
N GLY A 52 -4.17 16.80 -2.69
CA GLY A 52 -3.19 16.11 -3.50
C GLY A 52 -2.87 14.69 -3.06
N VAL A 53 -3.69 14.08 -2.22
CA VAL A 53 -3.48 12.72 -1.77
C VAL A 53 -4.77 11.96 -1.80
N TRP A 54 -4.81 10.81 -2.47
CA TRP A 54 -5.95 9.90 -2.52
C TRP A 54 -5.47 8.53 -2.11
N SER A 55 -6.38 7.73 -1.58
CA SER A 55 -6.20 6.29 -1.62
C SER A 55 -6.99 5.71 -2.75
N HIS A 56 -6.58 4.55 -3.20
CA HIS A 56 -7.34 3.73 -4.12
C HIS A 56 -7.72 2.44 -3.43
N ILE A 57 -8.92 1.94 -3.72
CA ILE A 57 -9.47 0.78 -3.07
C ILE A 57 -10.01 -0.14 -4.15
N ALA A 58 -9.65 -1.41 -4.08
CA ALA A 58 -10.14 -2.43 -5.01
C ALA A 58 -10.37 -3.70 -4.23
N THR A 59 -11.00 -4.67 -4.88
CA THR A 59 -11.25 -5.93 -4.20
CA THR A 59 -11.31 -5.95 -4.25
C THR A 59 -10.77 -7.08 -5.10
N GLN A 60 -10.36 -8.16 -4.47
CA GLN A 60 -9.85 -9.29 -5.22
C GLN A 60 -10.15 -10.57 -4.45
N SER A 61 -10.30 -11.65 -5.19
N SER A 61 -10.30 -11.66 -5.17
CA SER A 61 -10.45 -13.00 -4.67
CA SER A 61 -10.49 -12.94 -4.51
C SER A 61 -9.08 -13.64 -4.50
C SER A 61 -9.17 -13.68 -4.50
N PHE A 62 -8.92 -14.36 -3.40
CA PHE A 62 -7.68 -15.08 -3.14
C PHE A 62 -8.02 -16.28 -2.29
N ASP A 63 -7.72 -17.49 -2.78
CA ASP A 63 -8.02 -18.71 -2.04
C ASP A 63 -9.49 -18.78 -1.64
N GLY A 64 -10.36 -18.27 -2.50
CA GLY A 64 -11.79 -18.44 -2.26
C GLY A 64 -12.43 -17.45 -1.31
N ALA A 65 -11.74 -16.41 -0.95
CA ALA A 65 -12.34 -15.33 -0.16
C ALA A 65 -12.04 -14.00 -0.85
N VAL A 66 -12.86 -13.01 -0.57
CA VAL A 66 -12.72 -11.69 -1.18
C VAL A 66 -12.19 -10.70 -0.14
N TYR A 67 -11.22 -9.91 -0.57
CA TYR A 67 -10.57 -8.97 0.27
C TYR A 67 -10.47 -7.61 -0.38
N PRO A 68 -10.58 -6.54 0.39
CA PRO A 68 -10.22 -5.21 -0.12
C PRO A 68 -8.73 -4.99 0.01
N SER A 69 -8.23 -3.97 -0.70
N SER A 69 -8.23 -4.04 -0.76
CA SER A 69 -6.82 -3.60 -0.59
CA SER A 69 -6.88 -3.53 -0.53
C SER A 69 -6.66 -2.17 -1.03
C SER A 69 -6.78 -2.09 -0.92
N ASN A 70 -5.81 -1.43 -0.33
CA ASN A 70 -5.53 -0.01 -0.57
C ASN A 70 -4.23 0.20 -1.32
N GLY A 71 -4.17 1.34 -2.00
CA GLY A 71 -2.97 1.99 -2.44
C GLY A 71 -3.05 3.46 -2.30
N LEU A 72 -2.10 4.19 -2.83
CA LEU A 72 -2.02 5.63 -2.67
C LEU A 72 -1.79 6.30 -4.02
N ILE A 73 -2.26 7.52 -4.16
CA ILE A 73 -2.01 8.39 -5.30
C ILE A 73 -1.59 9.73 -4.74
N VAL A 74 -0.45 10.28 -5.21
CA VAL A 74 0.04 11.55 -4.70
C VAL A 74 0.30 12.46 -5.89
N ARG A 75 -0.31 13.65 -5.86
N ARG A 75 -0.27 13.66 -5.85
CA ARG A 75 -0.04 14.65 -6.89
CA ARG A 75 -0.06 14.63 -6.91
C ARG A 75 1.42 15.08 -6.87
C ARG A 75 1.38 15.14 -6.88
N ASP A 76 1.99 15.18 -8.05
CA ASP A 76 3.43 15.40 -8.29
C ASP A 76 3.47 16.49 -9.38
N GLY A 77 3.10 17.70 -9.01
CA GLY A 77 2.93 18.79 -10.00
C GLY A 77 1.74 18.58 -10.93
N ASP A 78 2.02 18.42 -12.21
CA ASP A 78 0.99 18.04 -13.17
C ASP A 78 1.05 16.57 -13.53
N GLU A 79 1.68 15.76 -12.69
CA GLU A 79 1.71 14.33 -12.86
C GLU A 79 1.26 13.68 -11.55
N LEU A 80 1.13 12.36 -11.55
CA LEU A 80 0.78 11.59 -10.38
C LEU A 80 1.81 10.51 -10.12
N LEU A 81 2.10 10.31 -8.83
CA LEU A 81 2.86 9.16 -8.32
C LEU A 81 1.86 8.17 -7.76
N LEU A 82 1.96 6.93 -8.18
CA LEU A 82 1.12 5.82 -7.70
C LEU A 82 1.93 4.99 -6.70
N ILE A 83 1.30 4.62 -5.59
CA ILE A 83 1.87 3.66 -4.66
C ILE A 83 0.95 2.44 -4.69
N ASP A 84 1.52 1.33 -5.16
CA ASP A 84 0.91 -0.01 -5.22
C ASP A 84 -0.13 -0.13 -6.31
N THR A 85 -0.16 -1.34 -6.89
CA THR A 85 -1.18 -1.69 -7.83
C THR A 85 -2.52 -1.90 -7.10
N ALA A 86 -3.58 -2.15 -7.90
CA ALA A 86 -4.89 -2.46 -7.40
C ALA A 86 -5.16 -3.96 -7.27
N TRP A 87 -4.12 -4.79 -7.18
CA TRP A 87 -4.25 -6.23 -6.95
C TRP A 87 -4.85 -6.90 -8.14
N GLY A 88 -4.08 -6.97 -9.21
CA GLY A 88 -4.46 -7.67 -10.40
C GLY A 88 -4.41 -6.80 -11.61
N ALA A 89 -4.28 -7.46 -12.77
CA ALA A 89 -4.21 -6.76 -14.04
C ALA A 89 -5.49 -6.00 -14.36
N LYS A 90 -6.63 -6.68 -14.31
N LYS A 90 -6.63 -6.66 -14.30
CA LYS A 90 -7.88 -6.02 -14.63
CA LYS A 90 -7.85 -5.96 -14.68
C LYS A 90 -8.16 -4.88 -13.65
C LYS A 90 -8.22 -4.88 -13.66
N ASN A 91 -7.98 -5.13 -12.37
CA ASN A 91 -8.19 -4.09 -11.38
C ASN A 91 -7.31 -2.88 -11.65
N THR A 92 -6.05 -3.13 -12.04
CA THR A 92 -5.10 -2.05 -12.26
C THR A 92 -5.48 -1.23 -13.50
N ALA A 93 -5.95 -1.90 -14.55
CA ALA A 93 -6.51 -1.15 -15.70
C ALA A 93 -7.68 -0.30 -15.27
N ALA A 94 -8.55 -0.85 -14.43
CA ALA A 94 -9.67 -0.09 -13.93
C ALA A 94 -9.22 1.10 -13.06
N LEU A 95 -8.12 0.91 -12.30
CA LEU A 95 -7.55 2.00 -11.52
C LEU A 95 -7.14 3.13 -12.45
N LEU A 96 -6.41 2.84 -13.51
CA LEU A 96 -5.97 3.89 -14.41
C LEU A 96 -7.17 4.63 -14.99
N ALA A 97 -8.23 3.91 -15.33
CA ALA A 97 -9.42 4.56 -15.88
C ALA A 97 -10.08 5.45 -14.85
N GLU A 98 -10.17 4.98 -13.62
CA GLU A 98 -10.75 5.77 -12.56
C GLU A 98 -9.95 7.03 -12.26
N ILE A 99 -8.64 6.93 -12.29
CA ILE A 99 -7.79 8.11 -12.13
C ILE A 99 -8.06 9.11 -13.24
N GLU A 100 -8.18 8.63 -14.49
CA GLU A 100 -8.43 9.55 -15.59
C GLU A 100 -9.77 10.26 -15.39
N LYS A 101 -10.79 9.53 -14.93
CA LYS A 101 -12.11 10.09 -14.71
C LYS A 101 -12.11 11.12 -13.60
N GLN A 102 -11.48 10.82 -12.47
CA GLN A 102 -11.62 11.59 -11.26
C GLN A 102 -10.55 12.66 -11.11
N ILE A 103 -9.39 12.47 -11.69
CA ILE A 103 -8.25 13.36 -11.48
C ILE A 103 -7.76 13.94 -12.80
N GLY A 104 -7.56 13.10 -13.80
CA GLY A 104 -7.24 13.60 -15.11
C GLY A 104 -5.82 14.07 -15.30
N LEU A 105 -4.89 13.59 -14.48
CA LEU A 105 -3.47 13.83 -14.64
C LEU A 105 -2.79 12.48 -14.87
N PRO A 106 -1.70 12.46 -15.62
CA PRO A 106 -1.09 11.18 -15.96
C PRO A 106 -0.29 10.60 -14.80
N VAL A 107 -0.46 9.28 -14.62
CA VAL A 107 0.42 8.53 -13.73
C VAL A 107 1.73 8.29 -14.44
N THR A 108 2.83 8.83 -13.88
CA THR A 108 4.11 8.67 -14.54
C THR A 108 5.04 7.69 -13.86
N ARG A 109 4.87 7.46 -12.54
CA ARG A 109 5.75 6.58 -11.80
C ARG A 109 4.90 5.80 -10.81
N ALA A 110 5.33 4.62 -10.46
CA ALA A 110 4.69 3.80 -9.44
C ALA A 110 5.74 3.18 -8.60
N VAL A 111 5.47 3.04 -7.31
CA VAL A 111 6.32 2.29 -6.36
C VAL A 111 5.47 1.21 -5.75
N SER A 112 6.00 -0.01 -5.72
CA SER A 112 5.37 -1.14 -5.02
C SER A 112 6.07 -1.32 -3.68
N THR A 113 5.29 -1.47 -2.61
CA THR A 113 5.83 -1.44 -1.28
C THR A 113 6.18 -2.82 -0.72
N HIS A 114 5.80 -3.90 -1.38
CA HIS A 114 6.38 -5.22 -1.14
C HIS A 114 6.04 -6.08 -2.32
N PHE A 115 6.41 -7.38 -2.26
CA PHE A 115 6.42 -8.24 -3.43
C PHE A 115 5.13 -8.97 -3.71
N HIS A 116 4.16 -8.92 -2.82
CA HIS A 116 2.94 -9.69 -2.98
C HIS A 116 2.05 -9.13 -4.09
N ASP A 117 1.12 -9.95 -4.55
CA ASP A 117 0.31 -9.60 -5.71
C ASP A 117 -0.59 -8.37 -5.47
N ASP A 118 -0.96 -8.08 -4.23
CA ASP A 118 -1.74 -6.90 -3.96
C ASP A 118 -0.92 -5.61 -4.08
N ARG A 119 0.36 -5.73 -4.35
CA ARG A 119 1.28 -4.61 -4.48
C ARG A 119 1.90 -4.51 -5.88
N VAL A 120 2.21 -5.68 -6.49
CA VAL A 120 2.85 -5.72 -7.80
C VAL A 120 1.96 -6.30 -8.88
N GLY A 121 0.81 -6.94 -8.52
CA GLY A 121 0.00 -7.54 -9.60
C GLY A 121 -0.71 -6.42 -10.33
N GLY A 122 -0.38 -6.21 -11.60
CA GLY A 122 -0.77 -5.03 -12.31
C GLY A 122 0.40 -4.21 -12.78
N VAL A 123 1.62 -4.52 -12.35
CA VAL A 123 2.80 -3.83 -12.84
C VAL A 123 2.96 -3.95 -14.36
N ASP A 124 2.63 -5.10 -14.94
CA ASP A 124 2.76 -5.22 -16.38
C ASP A 124 1.78 -4.26 -17.07
N VAL A 125 0.55 -4.16 -16.57
CA VAL A 125 -0.42 -3.18 -17.08
C VAL A 125 0.16 -1.78 -17.00
N LEU A 126 0.70 -1.41 -15.83
CA LEU A 126 1.28 -0.07 -15.67
C LEU A 126 2.38 0.17 -16.67
N ARG A 127 3.25 -0.81 -16.84
N ARG A 127 3.30 -0.76 -16.79
CA ARG A 127 4.43 -0.68 -17.70
CA ARG A 127 4.43 -0.54 -17.66
C ARG A 127 4.04 -0.49 -19.14
C ARG A 127 3.97 -0.33 -19.11
N ALA A 128 2.93 -1.06 -19.57
CA ALA A 128 2.39 -0.87 -20.92
C ALA A 128 1.51 0.37 -21.09
N ALA A 129 1.20 1.04 -20.01
CA ALA A 129 0.53 2.32 -20.02
C ALA A 129 1.49 3.47 -19.80
N GLY A 130 2.78 3.23 -19.96
CA GLY A 130 3.78 4.28 -19.88
C GLY A 130 4.28 4.61 -18.50
N VAL A 131 3.88 3.87 -17.48
CA VAL A 131 4.25 4.19 -16.13
C VAL A 131 5.61 3.53 -15.84
N ALA A 132 6.52 4.28 -15.31
CA ALA A 132 7.79 3.73 -14.83
C ALA A 132 7.58 3.12 -13.44
N THR A 133 7.92 1.83 -13.30
CA THR A 133 7.64 1.08 -12.09
C THR A 133 8.93 0.84 -11.30
N TYR A 134 8.82 0.99 -9.98
CA TYR A 134 9.94 0.97 -9.07
C TYR A 134 9.64 0.07 -7.87
N ALA A 135 10.69 -0.54 -7.30
CA ALA A 135 10.59 -1.23 -6.04
C ALA A 135 12.03 -1.40 -5.54
N SER A 136 12.18 -1.72 -4.26
CA SER A 136 13.51 -2.02 -3.75
C SER A 136 14.05 -3.25 -4.45
N PRO A 137 15.39 -3.43 -4.39
CA PRO A 137 15.96 -4.66 -4.94
C PRO A 137 15.46 -5.86 -4.19
N SER A 138 15.21 -5.76 -2.89
N SER A 138 15.23 -5.76 -2.89
CA SER A 138 14.68 -6.88 -2.13
CA SER A 138 14.68 -6.89 -2.14
C SER A 138 13.30 -7.29 -2.65
C SER A 138 13.31 -7.29 -2.70
N THR A 139 12.44 -6.33 -2.89
CA THR A 139 11.14 -6.62 -3.45
C THR A 139 11.26 -7.24 -4.83
N ARG A 140 12.11 -6.68 -5.68
CA ARG A 140 12.25 -7.22 -7.01
C ARG A 140 12.71 -8.69 -6.99
N ARG A 141 13.67 -9.02 -6.12
N ARG A 141 13.67 -9.01 -6.14
CA ARG A 141 14.16 -10.39 -6.02
CA ARG A 141 14.15 -10.38 -6.03
C ARG A 141 13.08 -11.34 -5.53
C ARG A 141 13.02 -11.29 -5.59
N LEU A 142 12.30 -10.89 -4.55
CA LEU A 142 11.24 -11.73 -4.01
C LEU A 142 10.14 -11.93 -5.02
N ALA A 143 9.75 -10.86 -5.71
CA ALA A 143 8.73 -10.96 -6.73
C ALA A 143 9.14 -11.94 -7.81
N GLU A 144 10.39 -11.81 -8.28
CA GLU A 144 10.91 -12.72 -9.29
C GLU A 144 10.86 -14.15 -8.81
N ALA A 145 11.33 -14.40 -7.61
CA ALA A 145 11.41 -15.77 -7.11
C ALA A 145 10.03 -16.37 -6.97
N GLU A 146 9.04 -15.57 -6.64
CA GLU A 146 7.67 -16.04 -6.40
C GLU A 146 6.85 -16.16 -7.67
N GLY A 147 7.34 -15.63 -8.79
CA GLY A 147 6.56 -15.60 -10.02
C GLY A 147 5.54 -14.49 -10.07
N ASN A 148 5.77 -13.43 -9.34
CA ASN A 148 4.93 -12.24 -9.42
C ASN A 148 5.50 -11.26 -10.44
N GLU A 149 4.71 -10.24 -10.79
CA GLU A 149 5.17 -9.24 -11.73
C GLU A 149 6.28 -8.41 -11.07
N ILE A 150 7.21 -7.95 -11.89
CA ILE A 150 8.45 -7.40 -11.39
C ILE A 150 8.57 -5.94 -11.80
N PRO A 151 8.59 -5.00 -10.87
CA PRO A 151 8.86 -3.59 -11.21
C PRO A 151 10.17 -3.46 -11.96
N THR A 152 10.26 -2.44 -12.84
CA THR A 152 11.42 -2.30 -13.69
C THR A 152 12.66 -1.81 -12.97
N HIS A 153 12.51 -0.81 -12.12
CA HIS A 153 13.62 -0.03 -11.59
C HIS A 153 13.82 -0.31 -10.14
N SER A 154 15.07 -0.39 -9.71
CA SER A 154 15.45 -0.65 -8.36
C SER A 154 15.63 0.62 -7.56
N LEU A 155 15.12 0.61 -6.34
CA LEU A 155 15.26 1.71 -5.39
C LEU A 155 16.33 1.38 -4.39
N GLU A 156 17.51 1.96 -4.60
CA GLU A 156 18.65 1.78 -3.70
C GLU A 156 18.45 2.70 -2.49
N GLY A 157 19.30 2.54 -1.48
CA GLY A 157 19.26 3.40 -0.33
C GLY A 157 18.26 3.06 0.72
N LEU A 158 17.67 1.84 0.64
CA LEU A 158 16.60 1.40 1.50
C LEU A 158 16.88 0.06 2.15
N SER A 159 18.11 -0.42 2.12
CA SER A 159 18.38 -1.77 2.54
C SER A 159 18.52 -1.96 4.03
N SER A 160 18.75 -0.90 4.80
N SER A 160 18.73 -0.90 4.79
CA SER A 160 18.92 -1.03 6.25
CA SER A 160 18.96 -0.97 6.22
C SER A 160 17.73 -0.41 6.97
C SER A 160 17.76 -0.38 6.95
N SER A 161 17.24 -1.07 8.00
N SER A 161 17.38 -1.01 8.06
CA SER A 161 16.10 -0.52 8.71
CA SER A 161 16.25 -0.53 8.82
C SER A 161 16.44 0.88 9.23
C SER A 161 16.49 0.91 9.25
N GLY A 162 15.47 1.76 9.10
CA GLY A 162 15.60 3.17 9.38
C GLY A 162 16.02 4.02 8.18
N ASP A 163 16.35 3.39 7.03
CA ASP A 163 16.70 4.13 5.84
C ASP A 163 15.50 4.85 5.28
N ALA A 164 15.73 6.01 4.71
CA ALA A 164 14.75 6.83 4.08
C ALA A 164 15.33 7.45 2.83
N VAL A 165 14.52 7.59 1.80
CA VAL A 165 14.89 8.29 0.58
C VAL A 165 13.71 9.11 0.08
N ARG A 166 13.99 10.16 -0.65
CA ARG A 166 12.94 10.92 -1.29
C ARG A 166 12.62 10.39 -2.64
N PHE A 167 11.34 10.41 -3.00
CA PHE A 167 10.85 9.95 -4.30
C PHE A 167 9.70 10.87 -4.70
N GLY A 168 9.96 11.86 -5.52
CA GLY A 168 8.94 12.81 -5.83
C GLY A 168 8.40 13.45 -4.57
N PRO A 169 7.08 13.51 -4.44
CA PRO A 169 6.45 14.19 -3.29
C PRO A 169 6.34 13.33 -2.04
N VAL A 170 7.02 12.18 -1.99
CA VAL A 170 6.96 11.32 -0.81
C VAL A 170 8.35 11.02 -0.29
N GLU A 171 8.38 10.52 0.93
CA GLU A 171 9.52 9.86 1.50
C GLU A 171 9.21 8.38 1.59
N LEU A 172 10.14 7.54 1.17
CA LEU A 172 10.07 6.11 1.33
C LEU A 172 10.92 5.72 2.51
N PHE A 173 10.42 4.82 3.34
CA PHE A 173 11.07 4.44 4.59
C PHE A 173 11.04 2.94 4.74
N TYR A 174 12.16 2.34 5.07
CA TYR A 174 12.24 0.91 5.33
C TYR A 174 12.27 0.72 6.83
N PRO A 175 11.21 0.18 7.46
CA PRO A 175 11.17 0.12 8.92
C PRO A 175 11.83 -1.11 9.47
N GLY A 176 12.17 -2.08 8.65
CA GLY A 176 12.52 -3.42 9.08
C GLY A 176 11.43 -4.41 8.75
N ALA A 177 11.74 -5.68 8.98
CA ALA A 177 10.82 -6.74 8.65
C ALA A 177 9.55 -6.64 9.48
N ALA A 178 8.41 -6.92 8.84
CA ALA A 178 7.13 -6.85 9.54
C ALA A 178 6.19 -7.84 8.88
N HIS A 179 5.22 -7.32 8.12
CA HIS A 179 4.38 -8.16 7.28
C HIS A 179 5.20 -8.97 6.30
N SER A 180 6.26 -8.39 5.79
CA SER A 180 7.23 -9.06 4.92
C SER A 180 8.60 -8.49 5.22
N THR A 181 9.67 -9.14 4.70
N THR A 181 9.64 -9.15 4.71
CA THR A 181 11.01 -8.63 4.98
CA THR A 181 10.99 -8.69 4.97
C THR A 181 11.32 -7.36 4.22
C THR A 181 11.36 -7.43 4.17
N ASP A 182 10.62 -7.15 3.11
CA ASP A 182 10.87 -6.05 2.21
C ASP A 182 9.89 -4.87 2.36
N ASN A 183 8.94 -4.91 3.28
CA ASN A 183 7.91 -3.91 3.27
C ASN A 183 8.45 -2.51 3.48
N LEU A 184 7.96 -1.58 2.66
CA LEU A 184 8.24 -0.17 2.76
C LEU A 184 7.02 0.59 3.23
N VAL A 185 7.30 1.77 3.77
N VAL A 185 7.24 1.69 3.93
CA VAL A 185 6.31 2.71 4.28
CA VAL A 185 6.16 2.65 4.18
C VAL A 185 6.50 3.98 3.45
C VAL A 185 6.46 3.96 3.48
N VAL A 186 5.43 4.75 3.29
CA VAL A 186 5.48 5.95 2.49
C VAL A 186 4.88 7.11 3.29
N TYR A 187 5.60 8.22 3.36
CA TYR A 187 5.13 9.42 4.06
C TYR A 187 4.98 10.53 3.05
N VAL A 188 3.85 11.28 3.16
CA VAL A 188 3.60 12.46 2.33
C VAL A 188 3.81 13.67 3.22
N PRO A 189 4.98 14.34 3.18
CA PRO A 189 5.24 15.39 4.17
C PRO A 189 4.33 16.58 4.03
N SER A 190 3.84 16.88 2.82
CA SER A 190 3.00 18.09 2.68
C SER A 190 1.70 17.95 3.46
N ALA A 191 1.28 16.70 3.70
CA ALA A 191 0.00 16.43 4.29
C ALA A 191 0.09 15.63 5.58
N ASN A 192 1.25 15.24 6.01
CA ASN A 192 1.43 14.39 7.17
C ASN A 192 0.63 13.10 7.06
N VAL A 193 0.64 12.51 5.87
CA VAL A 193 -0.03 11.25 5.62
C VAL A 193 1.00 10.13 5.66
N LEU A 194 0.73 9.14 6.49
CA LEU A 194 1.57 7.96 6.61
C LEU A 194 0.82 6.78 5.98
N TYR A 195 1.34 6.27 4.89
CA TYR A 195 0.83 5.09 4.22
C TYR A 195 1.66 3.92 4.70
N GLY A 196 1.07 3.13 5.60
CA GLY A 196 1.81 2.02 6.18
C GLY A 196 1.93 0.79 5.33
N GLY A 197 1.12 0.66 4.32
CA GLY A 197 1.07 -0.55 3.60
C GLY A 197 0.71 -1.71 4.52
N CYS A 198 1.08 -2.94 4.13
CA CYS A 198 0.61 -4.09 4.85
C CYS A 198 1.32 -4.34 6.19
N ALA A 199 2.35 -3.56 6.51
CA ALA A 199 2.91 -3.52 7.86
C ALA A 199 1.99 -2.89 8.88
N VAL A 200 0.92 -2.23 8.45
CA VAL A 200 -0.02 -1.56 9.36
C VAL A 200 -1.42 -2.10 9.07
N HIS A 201 -2.12 -2.45 10.14
CA HIS A 201 -3.47 -2.95 10.08
C HIS A 201 -4.45 -1.93 10.56
N GLU A 202 -5.69 -2.08 10.10
CA GLU A 202 -6.77 -1.20 10.50
C GLU A 202 -7.21 -1.48 11.95
N LEU A 203 -7.88 -0.51 12.53
CA LEU A 203 -8.29 -0.64 13.96
C LEU A 203 -9.26 -1.78 14.23
N SER A 204 -10.07 -2.20 13.27
CA SER A 204 -10.98 -3.33 13.52
C SER A 204 -10.33 -4.68 13.41
N SER A 205 -9.08 -4.73 13.01
N SER A 205 -9.12 -4.75 12.96
CA SER A 205 -8.36 -5.98 12.84
CA SER A 205 -8.46 -6.04 12.78
C SER A 205 -8.40 -6.77 14.13
C SER A 205 -8.38 -6.78 14.08
N THR A 206 -8.79 -8.04 14.02
CA THR A 206 -8.77 -8.94 15.14
C THR A 206 -7.70 -9.98 14.94
N SER A 207 -7.00 -9.92 13.81
N SER A 207 -7.00 -9.92 13.81
CA SER A 207 -5.88 -10.79 13.58
CA SER A 207 -5.90 -10.80 13.54
C SER A 207 -4.87 -9.99 12.78
C SER A 207 -4.88 -9.98 12.78
N ALA A 208 -3.74 -10.60 12.54
CA ALA A 208 -2.66 -9.96 11.82
C ALA A 208 -2.67 -10.27 10.34
N GLY A 209 -3.83 -10.58 9.76
CA GLY A 209 -3.92 -10.70 8.31
C GLY A 209 -3.18 -11.92 7.78
N ASN A 210 -2.60 -11.79 6.60
CA ASN A 210 -1.92 -12.91 5.99
C ASN A 210 -0.45 -12.82 6.39
N VAL A 211 -0.04 -13.70 7.29
CA VAL A 211 1.26 -13.63 7.90
C VAL A 211 2.23 -14.63 7.28
N ALA A 212 1.92 -15.15 6.09
CA ALA A 212 2.75 -16.22 5.55
C ALA A 212 4.21 -15.82 5.48
N ASP A 213 4.48 -14.57 5.13
CA ASP A 213 5.84 -14.10 4.90
C ASP A 213 6.34 -13.16 5.96
N ALA A 214 5.63 -13.09 7.06
CA ALA A 214 5.88 -12.11 8.12
C ALA A 214 7.00 -12.54 9.05
N ASP A 215 7.47 -11.56 9.84
CA ASP A 215 8.42 -11.75 10.94
C ASP A 215 7.69 -11.22 12.16
N LEU A 216 6.91 -12.10 12.85
CA LEU A 216 6.09 -11.64 13.97
C LEU A 216 6.95 -11.10 15.11
N ALA A 217 8.15 -11.65 15.28
CA ALA A 217 9.05 -11.20 16.35
C ALA A 217 9.60 -9.80 16.08
N GLU A 218 9.96 -9.49 14.82
CA GLU A 218 10.54 -8.19 14.51
C GLU A 218 9.48 -7.13 14.27
N TRP A 219 8.27 -7.54 13.90
CA TRP A 219 7.22 -6.60 13.54
C TRP A 219 7.01 -5.51 14.56
N PRO A 220 6.87 -5.78 15.86
N PRO A 220 6.84 -5.78 15.85
CA PRO A 220 6.67 -4.65 16.80
CA PRO A 220 6.67 -4.66 16.80
C PRO A 220 7.84 -3.68 16.80
C PRO A 220 7.83 -3.69 16.76
N THR A 221 9.07 -4.19 16.66
CA THR A 221 10.24 -3.33 16.57
C THR A 221 10.18 -2.43 15.35
N SER A 222 9.75 -2.98 14.24
CA SER A 222 9.58 -2.20 13.02
C SER A 222 8.51 -1.14 13.15
N VAL A 223 7.40 -1.49 13.80
CA VAL A 223 6.36 -0.51 14.06
C VAL A 223 6.86 0.60 14.98
N GLU A 224 7.65 0.24 16.01
N GLU A 224 7.66 0.24 15.99
CA GLU A 224 8.23 1.25 16.89
CA GLU A 224 8.20 1.27 16.87
C GLU A 224 9.12 2.21 16.10
C GLU A 224 9.09 2.22 16.08
N ARG A 225 9.83 1.71 15.09
CA ARG A 225 10.64 2.58 14.25
C ARG A 225 9.76 3.57 13.49
N ILE A 226 8.65 3.08 12.95
CA ILE A 226 7.73 3.98 12.25
C ILE A 226 7.21 5.04 13.21
N GLN A 227 6.78 4.63 14.40
CA GLN A 227 6.25 5.60 15.38
C GLN A 227 7.29 6.67 15.71
N LYS A 228 8.54 6.26 15.87
CA LYS A 228 9.59 7.21 16.21
C LYS A 228 9.88 8.16 15.06
N HIS A 229 9.83 7.64 13.84
CA HIS A 229 10.23 8.42 12.69
C HIS A 229 9.13 9.41 12.24
N TYR A 230 7.88 9.07 12.46
CA TYR A 230 6.76 9.86 11.95
C TYR A 230 5.77 10.26 13.05
N PRO A 231 6.26 10.99 14.06
CA PRO A 231 5.40 11.32 15.19
C PRO A 231 4.33 12.35 14.87
N GLU A 232 4.45 13.04 13.74
N GLU A 232 4.44 13.05 13.75
CA GLU A 232 3.50 14.06 13.35
CA GLU A 232 3.48 14.06 13.36
C GLU A 232 2.48 13.56 12.34
C GLU A 232 2.48 13.56 12.35
N ALA A 233 2.44 12.25 12.08
CA ALA A 233 1.45 11.75 11.14
C ALA A 233 0.05 12.09 11.63
N GLU A 234 -0.77 12.53 10.72
CA GLU A 234 -2.17 12.84 11.00
C GLU A 234 -3.14 11.80 10.51
N VAL A 235 -2.89 11.21 9.39
CA VAL A 235 -3.65 10.11 8.82
C VAL A 235 -2.69 8.95 8.63
N VAL A 236 -3.13 7.77 9.03
CA VAL A 236 -2.40 6.52 8.84
C VAL A 236 -3.28 5.61 8.01
N ILE A 237 -2.76 5.11 6.90
CA ILE A 237 -3.50 4.26 5.95
C ILE A 237 -2.90 2.88 6.00
N PRO A 238 -3.73 1.87 6.31
CA PRO A 238 -3.26 0.46 6.33
C PRO A 238 -3.26 -0.10 4.90
N GLY A 239 -2.59 -1.23 4.73
CA GLY A 239 -2.61 -1.90 3.44
C GLY A 239 -3.97 -2.40 3.02
N HIS A 240 -4.79 -2.74 3.99
CA HIS A 240 -6.15 -3.21 3.77
C HIS A 240 -7.02 -2.58 4.86
N GLY A 241 -8.14 -2.01 4.49
CA GLY A 241 -9.12 -1.50 5.45
C GLY A 241 -9.04 0.00 5.66
N LEU A 242 -9.66 0.45 6.75
CA LEU A 242 -9.96 1.87 6.93
C LEU A 242 -8.80 2.66 7.46
N PRO A 243 -8.53 3.85 6.90
CA PRO A 243 -7.59 4.77 7.53
C PRO A 243 -8.06 5.24 8.90
N GLY A 244 -7.08 5.68 9.66
CA GLY A 244 -7.34 6.35 10.94
C GLY A 244 -6.18 7.22 11.29
N GLY A 245 -5.87 7.30 12.58
CA GLY A 245 -4.78 8.09 13.08
C GLY A 245 -3.62 7.22 13.54
N LEU A 246 -2.74 7.82 14.35
CA LEU A 246 -1.53 7.12 14.82
C LEU A 246 -1.85 5.85 15.61
N ASP A 247 -3.07 5.72 16.17
CA ASP A 247 -3.39 4.54 16.95
C ASP A 247 -3.33 3.26 16.14
N LEU A 248 -3.42 3.34 14.80
CA LEU A 248 -3.29 2.16 13.99
C LEU A 248 -1.94 1.47 14.26
N LEU A 249 -0.88 2.28 14.52
CA LEU A 249 0.42 1.70 14.73
C LEU A 249 0.45 0.85 16.00
N GLN A 250 0.04 1.39 17.13
CA GLN A 250 0.04 0.61 18.35
C GLN A 250 -0.92 -0.58 18.26
N HIS A 251 -2.08 -0.39 17.63
CA HIS A 251 -3.02 -1.48 17.46
C HIS A 251 -2.36 -2.62 16.68
N THR A 252 -1.64 -2.28 15.61
CA THR A 252 -0.95 -3.28 14.83
C THR A 252 0.02 -4.07 15.68
N ALA A 253 0.85 -3.37 16.46
CA ALA A 253 1.78 -4.08 17.34
C ALA A 253 1.02 -5.01 18.28
N ASN A 254 -0.11 -4.56 18.80
CA ASN A 254 -0.87 -5.37 19.74
C ASN A 254 -1.41 -6.61 19.06
N VAL A 255 -2.03 -6.49 17.89
CA VAL A 255 -2.57 -7.67 17.24
C VAL A 255 -1.49 -8.63 16.81
N VAL A 256 -0.30 -8.14 16.43
CA VAL A 256 0.74 -9.04 16.00
C VAL A 256 1.29 -9.78 17.20
N LYS A 257 1.50 -9.08 18.35
CA LYS A 257 2.06 -9.72 19.55
C LYS A 257 1.13 -10.80 20.04
N ALA A 258 -0.17 -10.56 19.93
CA ALA A 258 -1.14 -11.51 20.43
C ALA A 258 -1.27 -12.67 19.46
N HIS A 259 -1.04 -12.43 18.16
CA HIS A 259 -1.05 -13.49 17.18
C HIS A 259 0.12 -14.43 17.43
N LYS A 260 1.33 -13.86 17.55
CA LYS A 260 2.52 -14.60 17.94
C LYS A 260 2.28 -15.42 19.22
N ASN A 261 1.69 -14.80 20.25
CA ASN A 261 1.35 -15.44 21.52
C ASN A 261 0.15 -16.37 21.35
ZN ZN B . 1.57 -8.88 1.60
ZN ZN C . -1.43 -6.99 2.02
C10 YRF D . -4.29 -10.24 3.53
C11 YRF D . -5.29 -9.98 4.61
C12 YRF D . -5.43 -8.64 4.99
C13 YRF D . -6.18 -8.22 6.02
C15 YRF D . -6.96 -9.20 6.58
C18 YRF D . -5.91 -7.87 9.60
C01 YRF D . -1.70 -11.41 -1.72
C02 YRF D . -1.51 -11.41 -0.23
C03 YRF D . -2.87 -11.65 0.49
C04 YRF D . -3.17 -10.92 1.66
C06 YRF D . -3.05 -9.62 3.42
C07 YRF D . -2.33 -8.74 4.39
C21 YRF D . -6.92 -10.58 6.23
C22 YRF D . -6.03 -10.97 5.15
C23 YRF D . -4.38 -11.07 2.40
C24 YRF D . -5.32 -11.97 1.94
C25 YRF D . -5.05 -12.72 0.81
C26 YRF D . -3.85 -12.53 0.08
C28 YRF D . -0.23 -13.74 -0.37
C29 YRF D . 0.59 -14.33 0.61
C30 YRF D . 1.29 -15.65 0.75
C32 YRF D . 1.79 -17.78 -0.21
C33 YRF D . 2.78 -17.25 -1.15
C35 YRF D . 2.01 -15.98 -1.31
C37 YRF D . 0.06 -12.32 1.49
F14 YRF D . -6.19 -6.87 6.37
N05 YRF D . -2.42 -9.99 2.31
N16 YRF D . -7.81 -8.81 7.69
N27 YRF D . -0.56 -12.45 0.21
N31 YRF D . 1.02 -16.48 -0.34
N34 YRF D . 4.04 -16.99 -0.50
O08 YRF D . -1.52 -7.87 3.94
O09 YRF D . -2.42 -8.98 5.59
O19 YRF D . -8.21 -8.72 10.27
O20 YRF D . -6.84 -10.46 9.42
O36 YRF D . 0.81 -13.51 1.65
O38 YRF D . 0.09 -11.41 2.20
S17 YRF D . -7.25 -9.03 9.31
H121 YRF D . -4.89 -7.88 4.41
H183 YRF D . -5.68 -7.87 10.67
H182 YRF D . -6.22 -6.88 9.29
H181 YRF D . -5.04 -8.18 9.04
H011 YRF D . -2.46 -10.68 -1.98
H012 YRF D . -2.01 -12.39 -2.05
H013 YRF D . -0.76 -11.14 -2.20
H021 YRF D . -1.09 -10.45 0.03
H211 YRF D . -7.53 -11.30 6.74
H221 YRF D . -5.96 -12.00 4.81
H241 YRF D . -6.27 -12.09 2.46
H251 YRF D . -5.78 -13.46 0.47
H261 YRF D . -3.69 -13.11 -0.82
H281 YRF D . -0.11 -13.90 -1.44
H301 YRF D . 0.95 -16.13 1.65
H302 YRF D . 2.35 -15.47 0.80
H321 YRF D . 1.24 -18.64 -0.60
H322 YRF D . 2.19 -17.93 0.79
H331 YRF D . 2.82 -17.85 -2.06
H351 YRF D . 2.55 -15.11 -0.95
H352 YRF D . 1.59 -15.86 -2.31
H051 YRF D . -1.54 -9.63 1.99
H161 YRF D . -8.72 -8.42 7.51
H341 YRF D . 4.06 -16.08 -0.09
H342 YRF D . 4.14 -17.68 0.26
#